data_1BHE
#
_entry.id   1BHE
#
_cell.length_a   81.229
_cell.length_b   53.033
_cell.length_c   103.093
_cell.angle_alpha   90.00
_cell.angle_beta   112.59
_cell.angle_gamma   90.00
#
_symmetry.space_group_name_H-M   'C 1 2 1'
#
loop_
_entity.id
_entity.type
_entity.pdbx_description
1 polymer POLYGALACTURONASE
2 water water
#
_entity_poly.entity_id   1
_entity_poly.type   'polypeptide(L)'
_entity_poly.pdbx_seq_one_letter_code
;SDSRTVSEPKTPSSCTTLKADSSTATSTIQKALNNCDQGKAVRLSAGSTSVFLSGPLSLPSGVSLLIDKGVTLRAVNNAK
SFENAPSSCGVVDKNGKGCDAFITAVSTTNSGIYGPGTIDGQGGVKLQDKKVSWWELAADAKVKKLKQNTPRLIQINKSK
NFTLYNVSLINSPNFHVVFSDGDGFTAWKTTIKTPSTARNTDGIDPMSSKNITIAYSNIATGDDNVAIKAYKGRAETRNI
SILHNDFGTGHGMSIGSETMGVYNVTVDDLKMNGTTNGLRIKSDKSAAGVVNGVRYSNVVMKNVAKPIVIDTVYEKKEGS
NVPDWSDITFKDVTSETKGVVVLNGENAKKPIEVTMKNVKLTSDSTWQIKNVNVKK
;
_entity_poly.pdbx_strand_id   A
#
# COMPACT_ATOMS: atom_id res chain seq x y z
N SER A 1 14.27 -6.64 8.46
CA SER A 1 14.90 -6.09 7.22
C SER A 1 14.85 -7.07 6.06
N ASP A 2 14.74 -6.52 4.87
CA ASP A 2 14.73 -7.30 3.62
C ASP A 2 15.98 -8.17 3.61
N SER A 3 15.90 -9.43 3.18
CA SER A 3 17.07 -10.29 3.24
C SER A 3 17.98 -10.09 2.03
N ARG A 4 17.47 -9.41 1.02
CA ARG A 4 18.23 -9.14 -0.19
C ARG A 4 19.14 -7.92 -0.04
N THR A 5 20.15 -7.84 -0.91
CA THR A 5 20.93 -6.61 -1.00
C THR A 5 20.16 -5.73 -1.98
N VAL A 6 19.76 -4.53 -1.55
CA VAL A 6 18.95 -3.65 -2.38
C VAL A 6 19.64 -2.31 -2.57
N SER A 7 19.91 -1.96 -3.82
CA SER A 7 20.51 -0.66 -4.11
C SER A 7 19.59 0.07 -5.09
N GLU A 8 19.79 1.37 -5.29
CA GLU A 8 18.86 2.14 -6.11
C GLU A 8 18.64 1.51 -7.48
N PRO A 9 17.38 1.35 -7.86
CA PRO A 9 17.01 0.82 -9.16
C PRO A 9 17.58 1.63 -10.32
N LYS A 10 17.78 0.98 -11.44
CA LYS A 10 18.25 1.65 -12.65
C LYS A 10 17.14 1.51 -13.69
N THR A 11 16.79 2.58 -14.40
CA THR A 11 15.69 2.41 -15.36
C THR A 11 16.12 1.67 -16.62
N PRO A 12 15.31 0.72 -17.04
CA PRO A 12 15.57 -0.05 -18.25
C PRO A 12 15.54 0.80 -19.51
N SER A 13 16.22 0.32 -20.54
CA SER A 13 16.21 0.99 -21.84
C SER A 13 14.86 0.65 -22.47
N SER A 14 14.37 1.50 -23.37
CA SER A 14 13.05 1.25 -23.96
C SER A 14 13.10 0.26 -25.10
N CYS A 15 12.06 -0.56 -25.23
CA CYS A 15 11.95 -1.48 -26.35
C CYS A 15 11.18 -0.80 -27.49
N THR A 16 10.20 -0.01 -27.09
CA THR A 16 9.28 0.69 -27.97
C THR A 16 8.92 2.03 -27.33
N THR A 17 8.68 3.06 -28.14
CA THR A 17 8.28 4.35 -27.61
C THR A 17 6.93 4.74 -28.22
N LEU A 18 5.96 5.06 -27.38
CA LEU A 18 4.62 5.44 -27.80
C LEU A 18 4.39 6.91 -27.50
N LYS A 19 3.65 7.61 -28.36
CA LYS A 19 3.37 9.03 -28.17
C LYS A 19 1.88 9.23 -27.97
N ALA A 20 1.51 9.93 -26.90
CA ALA A 20 0.11 10.09 -26.54
C ALA A 20 -0.65 11.01 -27.49
N ASP A 21 -1.90 10.66 -27.77
CA ASP A 21 -2.80 11.48 -28.58
C ASP A 21 -4.14 11.56 -27.86
N SER A 22 -5.24 11.77 -28.56
CA SER A 22 -6.53 11.86 -27.90
C SER A 22 -7.36 10.59 -27.94
N SER A 23 -6.83 9.51 -28.51
CA SER A 23 -7.57 8.25 -28.60
C SER A 23 -7.39 7.36 -27.37
N THR A 24 -8.22 6.33 -27.24
CA THR A 24 -8.08 5.35 -26.15
C THR A 24 -6.83 4.54 -26.41
N ALA A 25 -5.94 4.42 -25.42
CA ALA A 25 -4.67 3.75 -25.59
C ALA A 25 -4.55 2.31 -25.12
N THR A 26 -5.57 1.72 -24.52
CA THR A 26 -5.44 0.38 -23.96
C THR A 26 -4.77 -0.64 -24.87
N SER A 27 -5.34 -0.92 -26.04
CA SER A 27 -4.80 -1.96 -26.91
C SER A 27 -3.46 -1.55 -27.51
N THR A 28 -3.21 -0.26 -27.73
CA THR A 28 -1.93 0.18 -28.25
C THR A 28 -0.83 -0.10 -27.23
N ILE A 29 -1.08 0.19 -25.97
CA ILE A 29 -0.09 -0.10 -24.92
C ILE A 29 0.07 -1.61 -24.71
N GLN A 30 -1.02 -2.36 -24.65
CA GLN A 30 -0.96 -3.80 -24.44
C GLN A 30 -0.18 -4.49 -25.56
N LYS A 31 -0.43 -4.12 -26.81
CA LYS A 31 0.29 -4.67 -27.95
C LYS A 31 1.78 -4.44 -27.81
N ALA A 32 2.19 -3.24 -27.43
CA ALA A 32 3.59 -2.89 -27.22
C ALA A 32 4.18 -3.71 -26.07
N LEU A 33 3.43 -3.88 -24.98
CA LEU A 33 3.90 -4.68 -23.85
C LEU A 33 4.07 -6.13 -24.25
N ASN A 34 3.19 -6.66 -25.10
CA ASN A 34 3.27 -8.03 -25.55
C ASN A 34 4.38 -8.35 -26.54
N ASN A 35 5.16 -7.39 -27.01
CA ASN A 35 6.26 -7.66 -27.92
C ASN A 35 7.51 -6.91 -27.50
N CYS A 36 7.70 -6.77 -26.19
CA CYS A 36 8.83 -6.05 -25.61
C CYS A 36 9.93 -6.98 -25.12
N ASP A 37 11.17 -6.78 -25.56
CA ASP A 37 12.29 -7.61 -25.17
C ASP A 37 12.47 -7.68 -23.65
N GLN A 38 12.88 -8.84 -23.16
CA GLN A 38 13.18 -9.06 -21.75
C GLN A 38 14.17 -8.01 -21.26
N GLY A 39 13.89 -7.41 -20.11
CA GLY A 39 14.77 -6.42 -19.51
C GLY A 39 14.62 -5.00 -20.03
N LYS A 40 13.66 -4.77 -20.93
CA LYS A 40 13.40 -3.45 -21.49
C LYS A 40 12.01 -2.97 -21.08
N ALA A 41 11.69 -1.73 -21.44
CA ALA A 41 10.40 -1.18 -21.06
C ALA A 41 9.66 -0.49 -22.22
N VAL A 42 8.34 -0.49 -22.13
CA VAL A 42 7.52 0.23 -23.11
C VAL A 42 7.57 1.67 -22.59
N ARG A 43 8.01 2.61 -23.43
CA ARG A 43 8.15 4.00 -23.01
C ARG A 43 6.95 4.84 -23.44
N LEU A 44 6.37 5.57 -22.49
CA LEU A 44 5.21 6.42 -22.72
C LEU A 44 5.65 7.89 -22.74
N SER A 45 5.67 8.44 -23.95
CA SER A 45 6.09 9.80 -24.18
C SER A 45 4.94 10.67 -24.69
N ALA A 46 5.17 11.98 -24.71
CA ALA A 46 4.15 12.93 -25.16
C ALA A 46 4.04 12.94 -26.69
N GLY A 47 2.84 13.22 -27.17
CA GLY A 47 2.58 13.31 -28.61
C GLY A 47 1.80 14.63 -28.80
N SER A 48 0.58 14.52 -29.32
CA SER A 48 -0.33 15.67 -29.37
C SER A 48 -0.88 15.97 -27.98
N THR A 49 -0.90 14.96 -27.10
CA THR A 49 -1.28 15.15 -25.72
C THR A 49 -0.17 14.52 -24.86
N SER A 50 -0.34 14.59 -23.55
CA SER A 50 0.64 14.00 -22.63
C SER A 50 -0.08 12.99 -21.74
N VAL A 51 -1.28 12.59 -22.16
CA VAL A 51 -2.10 11.68 -21.36
C VAL A 51 -2.47 10.43 -22.14
N PHE A 52 -2.12 9.25 -21.61
CA PHE A 52 -2.52 7.97 -22.16
C PHE A 52 -3.75 7.51 -21.38
N LEU A 53 -4.90 7.47 -22.03
CA LEU A 53 -6.15 7.06 -21.38
C LEU A 53 -6.35 5.57 -21.63
N SER A 54 -6.42 4.77 -20.59
CA SER A 54 -6.48 3.31 -20.77
C SER A 54 -7.29 2.59 -19.71
N GLY A 55 -7.70 1.37 -20.06
CA GLY A 55 -8.37 0.46 -19.15
C GLY A 55 -7.29 -0.53 -18.66
N PRO A 56 -7.71 -1.64 -18.08
CA PRO A 56 -6.80 -2.62 -17.54
C PRO A 56 -5.67 -3.05 -18.48
N LEU A 57 -4.46 -3.11 -17.94
CA LEU A 57 -3.28 -3.53 -18.65
C LEU A 57 -2.63 -4.70 -17.91
N SER A 58 -1.99 -5.58 -18.67
CA SER A 58 -1.27 -6.71 -18.09
C SER A 58 0.22 -6.56 -18.39
N LEU A 59 1.03 -6.64 -17.35
CA LEU A 59 2.48 -6.52 -17.48
C LEU A 59 3.14 -7.89 -17.55
N PRO A 60 3.73 -8.25 -18.69
CA PRO A 60 4.39 -9.53 -18.87
C PRO A 60 5.67 -9.67 -18.06
N SER A 61 6.06 -10.90 -17.80
CA SER A 61 7.25 -11.19 -17.02
C SER A 61 8.51 -10.65 -17.71
N GLY A 62 9.37 -9.98 -16.96
CA GLY A 62 10.62 -9.44 -17.51
C GLY A 62 10.45 -8.14 -18.27
N VAL A 63 9.23 -7.65 -18.43
CA VAL A 63 8.90 -6.43 -19.16
C VAL A 63 8.50 -5.34 -18.16
N SER A 64 8.80 -4.08 -18.52
CA SER A 64 8.50 -2.96 -17.64
C SER A 64 7.74 -1.85 -18.37
N LEU A 65 7.28 -0.88 -17.59
CA LEU A 65 6.60 0.29 -18.09
C LEU A 65 7.43 1.51 -17.66
N LEU A 66 7.64 2.42 -18.58
CA LEU A 66 8.40 3.64 -18.33
C LEU A 66 7.55 4.84 -18.74
N ILE A 67 7.28 5.74 -17.81
CA ILE A 67 6.41 6.91 -18.07
C ILE A 67 7.24 8.17 -17.97
N ASP A 68 7.34 8.94 -19.04
CA ASP A 68 8.17 10.14 -19.06
C ASP A 68 7.72 11.25 -18.11
N LYS A 69 8.65 12.11 -17.74
CA LYS A 69 8.35 13.30 -16.97
C LYS A 69 7.23 14.06 -17.68
N GLY A 70 6.24 14.56 -16.95
CA GLY A 70 5.14 15.30 -17.52
C GLY A 70 4.08 14.47 -18.22
N VAL A 71 4.24 13.15 -18.31
CA VAL A 71 3.27 12.30 -18.99
C VAL A 71 2.44 11.59 -17.91
N THR A 72 1.17 11.36 -18.22
CA THR A 72 0.29 10.69 -17.28
C THR A 72 -0.35 9.47 -17.93
N LEU A 73 -0.33 8.34 -17.23
CA LEU A 73 -1.08 7.15 -17.67
C LEU A 73 -2.33 7.20 -16.79
N ARG A 74 -3.47 7.50 -17.37
CA ARG A 74 -4.72 7.69 -16.64
C ARG A 74 -5.78 6.62 -16.86
N ALA A 75 -6.31 6.12 -15.75
CA ALA A 75 -7.35 5.08 -15.80
C ALA A 75 -8.68 5.68 -16.24
N VAL A 76 -9.30 5.07 -17.25
CA VAL A 76 -10.57 5.60 -17.73
C VAL A 76 -11.60 5.60 -16.62
N ASN A 77 -12.43 6.63 -16.59
CA ASN A 77 -13.49 6.77 -15.59
C ASN A 77 -14.75 6.05 -16.07
N ASN A 78 -14.67 4.73 -16.16
CA ASN A 78 -15.73 3.87 -16.64
C ASN A 78 -15.72 2.55 -15.89
N ALA A 79 -16.81 2.22 -15.22
CA ALA A 79 -16.87 1.00 -14.40
C ALA A 79 -16.88 -0.27 -15.23
N LYS A 80 -17.62 -0.30 -16.33
CA LYS A 80 -17.64 -1.47 -17.21
C LYS A 80 -16.29 -1.80 -17.78
N SER A 81 -15.42 -0.82 -18.01
CA SER A 81 -14.08 -1.04 -18.52
C SER A 81 -13.19 -1.86 -17.59
N PHE A 82 -13.46 -1.89 -16.29
CA PHE A 82 -12.68 -2.64 -15.33
C PHE A 82 -13.38 -3.88 -14.79
N GLU A 83 -14.60 -4.17 -15.26
CA GLU A 83 -15.32 -5.32 -14.71
C GLU A 83 -14.68 -6.65 -15.10
N ASN A 84 -14.87 -7.66 -14.24
CA ASN A 84 -14.38 -9.00 -14.56
C ASN A 84 -15.59 -9.92 -14.72
N ALA A 85 -16.78 -9.33 -14.64
CA ALA A 85 -18.03 -10.05 -14.83
C ALA A 85 -19.14 -9.02 -15.07
N PRO A 86 -20.20 -9.42 -15.77
CA PRO A 86 -21.30 -8.55 -16.10
C PRO A 86 -21.79 -7.73 -14.91
N SER A 87 -21.60 -6.41 -14.96
CA SER A 87 -22.03 -5.50 -13.92
C SER A 87 -21.38 -5.71 -12.57
N SER A 88 -20.18 -6.28 -12.52
CA SER A 88 -19.50 -6.56 -11.26
C SER A 88 -18.72 -5.39 -10.68
N CYS A 89 -18.47 -4.36 -11.47
CA CYS A 89 -17.63 -3.24 -11.04
C CYS A 89 -18.39 -1.94 -10.84
N GLY A 90 -17.94 -1.11 -9.91
CA GLY A 90 -18.56 0.17 -9.62
C GLY A 90 -19.89 0.06 -8.90
N VAL A 91 -20.06 -0.99 -8.12
CA VAL A 91 -21.28 -1.26 -7.36
C VAL A 91 -20.92 -1.64 -5.93
N VAL A 92 -21.92 -1.68 -5.07
CA VAL A 92 -21.75 -2.04 -3.66
C VAL A 92 -22.49 -3.35 -3.42
N ASP A 93 -21.84 -4.36 -2.86
CA ASP A 93 -22.47 -5.66 -2.67
C ASP A 93 -21.68 -6.57 -1.75
N LYS A 94 -21.85 -7.87 -1.89
CA LYS A 94 -21.18 -8.87 -1.07
C LYS A 94 -19.90 -9.39 -1.74
N ASN A 95 -19.53 -8.82 -2.88
CA ASN A 95 -18.35 -9.24 -3.62
C ASN A 95 -17.10 -8.52 -3.12
N GLY A 96 -16.74 -7.39 -3.72
CA GLY A 96 -15.55 -6.65 -3.34
C GLY A 96 -14.41 -6.89 -4.32
N LYS A 97 -14.52 -7.95 -5.10
CA LYS A 97 -13.51 -8.35 -6.08
C LYS A 97 -14.02 -8.21 -7.51
N GLY A 98 -15.04 -7.37 -7.71
CA GLY A 98 -15.65 -7.13 -8.99
C GLY A 98 -14.86 -6.36 -10.02
N CYS A 99 -13.76 -5.70 -9.67
CA CYS A 99 -12.99 -4.96 -10.65
C CYS A 99 -11.53 -5.40 -10.81
N ASP A 100 -11.07 -5.43 -12.06
CA ASP A 100 -9.67 -5.75 -12.31
C ASP A 100 -8.86 -4.52 -11.90
N ALA A 101 -7.56 -4.66 -11.65
CA ALA A 101 -6.74 -3.51 -11.30
C ALA A 101 -6.36 -2.76 -12.59
N PHE A 102 -5.80 -1.58 -12.45
CA PHE A 102 -5.37 -0.83 -13.65
C PHE A 102 -4.18 -1.53 -14.30
N ILE A 103 -3.16 -1.85 -13.51
CA ILE A 103 -1.98 -2.55 -14.01
C ILE A 103 -1.79 -3.82 -13.18
N THR A 104 -1.81 -4.97 -13.85
CA THR A 104 -1.66 -6.24 -13.13
C THR A 104 -0.45 -7.03 -13.64
N ALA A 105 0.36 -7.52 -12.70
CA ALA A 105 1.55 -8.30 -13.01
C ALA A 105 1.41 -9.66 -12.32
N VAL A 106 1.15 -10.70 -13.10
CA VAL A 106 0.94 -12.05 -12.57
C VAL A 106 2.10 -12.97 -12.89
N SER A 107 2.66 -13.63 -11.88
CA SER A 107 3.78 -14.54 -12.10
C SER A 107 4.89 -13.93 -12.93
N THR A 108 5.35 -12.74 -12.54
CA THR A 108 6.42 -12.05 -13.25
C THR A 108 7.73 -12.14 -12.48
N THR A 109 8.82 -12.03 -13.22
CA THR A 109 10.16 -12.05 -12.65
C THR A 109 10.90 -10.85 -13.26
N ASN A 110 11.47 -9.97 -12.44
CA ASN A 110 12.19 -8.80 -12.94
C ASN A 110 11.32 -7.84 -13.74
N SER A 111 10.06 -7.64 -13.35
CA SER A 111 9.19 -6.70 -14.04
C SER A 111 9.17 -5.40 -13.22
N GLY A 112 8.75 -4.30 -13.85
CA GLY A 112 8.78 -3.05 -13.09
C GLY A 112 8.03 -1.90 -13.72
N ILE A 113 7.83 -0.85 -12.93
CA ILE A 113 7.12 0.37 -13.34
C ILE A 113 8.00 1.56 -12.95
N TYR A 114 8.35 2.40 -13.92
CA TYR A 114 9.30 3.48 -13.74
C TYR A 114 8.73 4.83 -14.17
N GLY A 115 9.08 5.91 -13.48
CA GLY A 115 8.66 7.26 -13.84
C GLY A 115 9.82 8.04 -14.47
N PRO A 116 9.84 9.35 -14.26
CA PRO A 116 9.03 10.05 -13.29
C PRO A 116 7.71 10.64 -13.72
N GLY A 117 7.04 10.01 -14.66
CA GLY A 117 5.67 10.32 -15.01
C GLY A 117 4.73 9.90 -13.86
N THR A 118 3.44 10.05 -14.13
CA THR A 118 2.37 9.78 -13.19
C THR A 118 1.36 8.74 -13.66
N ILE A 119 0.84 7.98 -12.70
CA ILE A 119 -0.26 7.04 -12.93
C ILE A 119 -1.43 7.63 -12.11
N ASP A 120 -2.49 8.00 -12.80
CA ASP A 120 -3.65 8.64 -12.18
C ASP A 120 -4.89 7.75 -12.26
N GLY A 121 -5.42 7.39 -11.09
CA GLY A 121 -6.58 6.53 -11.03
C GLY A 121 -7.93 7.21 -11.22
N GLN A 122 -7.99 8.54 -11.16
CA GLN A 122 -9.24 9.25 -11.27
C GLN A 122 -10.27 8.75 -10.26
N GLY A 123 -9.83 8.55 -9.01
CA GLY A 123 -10.70 8.06 -7.95
C GLY A 123 -11.89 8.98 -7.72
N GLY A 124 -11.68 10.29 -7.74
CA GLY A 124 -12.69 11.27 -7.46
C GLY A 124 -13.45 11.83 -8.65
N VAL A 125 -13.34 11.23 -9.83
CA VAL A 125 -14.05 11.71 -11.02
C VAL A 125 -15.34 10.95 -11.25
N LYS A 126 -16.43 11.68 -11.51
CA LYS A 126 -17.70 11.01 -11.80
C LYS A 126 -17.48 10.01 -12.94
N LEU A 127 -17.95 8.79 -12.75
CA LEU A 127 -17.81 7.78 -13.80
C LEU A 127 -18.74 8.11 -14.96
N GLN A 128 -18.40 7.68 -16.17
CA GLN A 128 -19.23 7.91 -17.35
C GLN A 128 -20.51 7.06 -17.28
N ASP A 129 -20.35 5.94 -16.63
CA ASP A 129 -21.19 4.82 -16.36
C ASP A 129 -22.13 4.87 -15.17
N LYS A 130 -21.81 5.70 -14.17
CA LYS A 130 -22.60 5.75 -12.95
C LYS A 130 -22.86 7.21 -12.56
N LYS A 131 -23.71 7.43 -11.56
CA LYS A 131 -23.99 8.79 -11.08
C LYS A 131 -22.87 9.33 -10.22
N VAL A 132 -22.03 8.45 -9.68
CA VAL A 132 -21.02 8.83 -8.71
C VAL A 132 -19.59 8.48 -9.17
N SER A 133 -18.63 8.95 -8.37
CA SER A 133 -17.23 8.64 -8.57
C SER A 133 -16.88 7.36 -7.80
N TRP A 134 -15.68 6.83 -7.98
CA TRP A 134 -15.27 5.64 -7.24
C TRP A 134 -15.28 5.90 -5.74
N TRP A 135 -14.77 7.05 -5.29
CA TRP A 135 -14.72 7.31 -3.85
C TRP A 135 -16.10 7.50 -3.24
N GLU A 136 -17.06 8.00 -3.99
CA GLU A 136 -18.42 8.18 -3.49
C GLU A 136 -19.11 6.87 -3.14
N LEU A 137 -18.65 5.73 -3.65
CA LEU A 137 -19.21 4.43 -3.31
C LEU A 137 -18.88 3.98 -1.89
N ALA A 138 -17.84 4.50 -1.25
CA ALA A 138 -17.46 4.12 0.10
C ALA A 138 -18.49 4.51 1.14
N ALA A 139 -18.99 5.75 1.10
CA ALA A 139 -20.01 6.18 2.05
C ALA A 139 -21.15 5.17 2.03
N ASP A 140 -21.68 4.91 0.83
CA ASP A 140 -22.72 3.93 0.63
C ASP A 140 -22.33 2.57 1.22
N ALA A 141 -21.15 2.08 0.87
CA ALA A 141 -20.68 0.79 1.38
C ALA A 141 -20.58 0.78 2.91
N LYS A 142 -20.03 1.84 3.50
CA LYS A 142 -19.89 1.94 4.95
C LYS A 142 -21.23 1.97 5.66
N VAL A 143 -22.12 2.87 5.23
CA VAL A 143 -23.43 3.01 5.83
C VAL A 143 -24.30 1.78 5.64
N LYS A 144 -24.17 1.11 4.51
CA LYS A 144 -24.92 -0.12 4.22
C LYS A 144 -24.22 -1.35 4.77
N LYS A 145 -22.98 -1.21 5.20
CA LYS A 145 -22.18 -2.29 5.75
C LYS A 145 -21.81 -3.36 4.72
N LEU A 146 -21.65 -2.97 3.45
CA LEU A 146 -21.29 -3.92 2.40
C LEU A 146 -19.94 -3.54 1.79
N LYS A 147 -19.59 -4.14 0.66
CA LYS A 147 -18.30 -3.89 0.03
C LYS A 147 -18.41 -3.19 -1.31
N GLN A 148 -17.54 -2.20 -1.53
CA GLN A 148 -17.53 -1.50 -2.81
C GLN A 148 -16.61 -2.27 -3.77
N ASN A 149 -16.93 -2.19 -5.05
CA ASN A 149 -16.12 -2.82 -6.09
C ASN A 149 -15.45 -1.68 -6.86
N THR A 150 -14.17 -1.44 -6.62
CA THR A 150 -13.42 -0.38 -7.28
C THR A 150 -12.02 -0.91 -7.62
N PRO A 151 -11.42 -0.45 -8.70
CA PRO A 151 -10.10 -0.90 -9.12
C PRO A 151 -8.92 -0.43 -8.31
N ARG A 152 -8.01 -1.35 -8.00
CA ARG A 152 -6.70 -1.02 -7.44
C ARG A 152 -5.80 -0.48 -8.56
N LEU A 153 -4.82 0.35 -8.24
CA LEU A 153 -3.95 0.88 -9.28
C LEU A 153 -2.95 -0.17 -9.79
N ILE A 154 -2.19 -0.75 -8.86
CA ILE A 154 -1.17 -1.72 -9.24
C ILE A 154 -1.37 -2.99 -8.41
N GLN A 155 -1.57 -4.11 -9.07
CA GLN A 155 -1.78 -5.39 -8.38
C GLN A 155 -0.71 -6.37 -8.85
N ILE A 156 0.13 -6.85 -7.95
CA ILE A 156 1.23 -7.75 -8.28
C ILE A 156 1.04 -9.09 -7.55
N ASN A 157 0.94 -10.18 -8.30
CA ASN A 157 0.69 -11.49 -7.71
C ASN A 157 1.75 -12.53 -8.06
N LYS A 158 2.11 -13.39 -7.11
CA LYS A 158 3.08 -14.44 -7.31
C LYS A 158 4.30 -14.06 -8.11
N SER A 159 4.89 -12.90 -7.82
CA SER A 159 6.01 -12.40 -8.62
C SER A 159 7.29 -12.35 -7.81
N LYS A 160 8.38 -12.26 -8.54
CA LYS A 160 9.73 -12.21 -8.02
C LYS A 160 10.48 -10.95 -8.46
N ASN A 161 11.11 -10.29 -7.50
CA ASN A 161 11.92 -9.10 -7.78
C ASN A 161 11.28 -8.09 -8.71
N PHE A 162 10.17 -7.50 -8.24
CA PHE A 162 9.42 -6.48 -8.94
C PHE A 162 9.96 -5.11 -8.48
N THR A 163 10.05 -4.15 -9.37
CA THR A 163 10.57 -2.83 -9.03
C THR A 163 9.56 -1.72 -9.32
N LEU A 164 9.41 -0.79 -8.39
CA LEU A 164 8.57 0.39 -8.53
C LEU A 164 9.49 1.59 -8.25
N TYR A 165 9.85 2.36 -9.27
CA TYR A 165 10.86 3.40 -9.05
C TYR A 165 10.58 4.78 -9.64
N ASN A 166 10.93 5.80 -8.85
CA ASN A 166 10.90 7.17 -9.36
C ASN A 166 9.61 7.49 -10.09
N VAL A 167 8.46 7.30 -9.46
CA VAL A 167 7.17 7.50 -10.12
C VAL A 167 6.10 8.03 -9.18
N SER A 168 5.09 8.73 -9.71
CA SER A 168 4.02 9.25 -8.88
C SER A 168 2.72 8.48 -9.14
N LEU A 169 2.02 8.13 -8.08
CA LEU A 169 0.75 7.42 -8.14
C LEU A 169 -0.29 8.27 -7.42
N ILE A 170 -1.29 8.76 -8.15
CA ILE A 170 -2.29 9.64 -7.59
C ILE A 170 -3.73 9.19 -7.79
N ASN A 171 -4.57 9.64 -6.86
CA ASN A 171 -6.01 9.43 -6.90
C ASN A 171 -6.43 8.00 -7.20
N SER A 172 -5.92 7.05 -6.42
CA SER A 172 -6.28 5.65 -6.63
C SER A 172 -7.68 5.36 -6.15
N PRO A 173 -8.47 4.68 -6.96
CA PRO A 173 -9.83 4.29 -6.62
C PRO A 173 -9.87 3.36 -5.41
N ASN A 174 -8.89 2.47 -5.31
CA ASN A 174 -8.78 1.51 -4.21
C ASN A 174 -7.32 1.53 -3.73
N PHE A 175 -6.78 0.43 -3.23
CA PHE A 175 -5.39 0.44 -2.78
C PHE A 175 -4.47 0.84 -3.96
N HIS A 176 -3.39 1.54 -3.68
CA HIS A 176 -2.48 1.98 -4.74
C HIS A 176 -1.60 0.83 -5.25
N VAL A 177 -0.87 0.20 -4.33
CA VAL A 177 0.05 -0.88 -4.68
C VAL A 177 -0.12 -2.08 -3.75
N VAL A 178 -0.29 -3.25 -4.33
CA VAL A 178 -0.45 -4.50 -3.60
C VAL A 178 0.56 -5.51 -4.15
N PHE A 179 1.33 -6.12 -3.26
CA PHE A 179 2.33 -7.12 -3.63
C PHE A 179 1.94 -8.41 -2.89
N SER A 180 1.25 -9.31 -3.58
CA SER A 180 0.71 -10.51 -2.96
C SER A 180 1.37 -11.83 -3.33
N ASP A 181 1.57 -12.68 -2.33
CA ASP A 181 2.14 -14.01 -2.48
C ASP A 181 3.39 -14.03 -3.34
N GLY A 182 4.30 -13.11 -3.07
CA GLY A 182 5.53 -13.00 -3.86
C GLY A 182 6.77 -12.91 -2.99
N ASP A 183 7.88 -12.66 -3.70
CA ASP A 183 9.19 -12.57 -3.04
C ASP A 183 10.08 -11.56 -3.76
N GLY A 184 10.35 -10.43 -3.11
CA GLY A 184 11.24 -9.44 -3.73
C GLY A 184 10.44 -8.31 -4.35
N PHE A 185 10.30 -7.21 -3.61
CA PHE A 185 9.60 -6.04 -4.09
C PHE A 185 10.35 -4.81 -3.56
N THR A 186 10.71 -3.92 -4.46
CA THR A 186 11.41 -2.71 -4.07
C THR A 186 10.65 -1.48 -4.60
N ALA A 187 10.22 -0.62 -3.70
CA ALA A 187 9.59 0.66 -4.07
C ALA A 187 10.60 1.72 -3.60
N TRP A 188 11.11 2.52 -4.53
CA TRP A 188 12.15 3.50 -4.22
C TRP A 188 11.84 4.81 -4.93
N LYS A 189 11.83 5.92 -4.21
CA LYS A 189 11.45 7.20 -4.81
C LYS A 189 10.04 7.12 -5.40
N THR A 190 9.13 6.46 -4.67
CA THR A 190 7.74 6.34 -5.09
C THR A 190 6.96 7.43 -4.38
N THR A 191 6.21 8.22 -5.16
CA THR A 191 5.36 9.25 -4.54
C THR A 191 3.91 8.81 -4.66
N ILE A 192 3.19 8.81 -3.54
CA ILE A 192 1.76 8.47 -3.54
C ILE A 192 1.01 9.68 -2.98
N LYS A 193 0.00 10.16 -3.71
CA LYS A 193 -0.77 11.30 -3.25
C LYS A 193 -2.24 11.15 -3.62
N THR A 194 -3.04 10.97 -2.59
CA THR A 194 -4.49 10.80 -2.66
C THR A 194 -5.09 11.52 -1.45
N PRO A 195 -6.21 12.19 -1.63
CA PRO A 195 -6.84 12.95 -0.57
C PRO A 195 -7.05 12.15 0.71
N SER A 196 -6.88 12.81 1.85
CA SER A 196 -7.04 12.22 3.17
C SER A 196 -8.44 11.72 3.49
N THR A 197 -9.45 12.21 2.78
CA THR A 197 -10.84 11.82 2.98
C THR A 197 -11.27 10.63 2.14
N ALA A 198 -10.43 10.18 1.20
CA ALA A 198 -10.78 9.06 0.35
C ALA A 198 -10.54 7.73 1.06
N ARG A 199 -11.62 7.01 1.36
CA ARG A 199 -11.52 5.75 2.09
C ARG A 199 -11.05 4.63 1.17
N ASN A 200 -10.44 3.61 1.78
CA ASN A 200 -10.03 2.41 1.07
C ASN A 200 -8.87 2.65 0.11
N THR A 201 -7.95 3.53 0.49
CA THR A 201 -6.84 3.91 -0.38
C THR A 201 -5.47 3.63 0.18
N ASP A 202 -5.27 2.42 0.70
CA ASP A 202 -3.97 2.04 1.23
C ASP A 202 -2.89 2.35 0.20
N GLY A 203 -1.73 2.77 0.68
CA GLY A 203 -0.63 3.11 -0.21
C GLY A 203 0.07 1.90 -0.78
N ILE A 204 0.90 1.23 0.02
CA ILE A 204 1.64 0.06 -0.40
C ILE A 204 1.44 -1.07 0.62
N ASP A 205 0.86 -2.19 0.18
CA ASP A 205 0.56 -3.30 1.06
C ASP A 205 1.12 -4.65 0.58
N PRO A 206 2.18 -5.10 1.22
CA PRO A 206 2.69 -6.46 1.03
C PRO A 206 1.70 -7.42 1.69
N MET A 207 1.28 -8.47 1.00
CA MET A 207 0.31 -9.44 1.48
C MET A 207 0.83 -10.86 1.35
N SER A 208 1.19 -11.50 2.47
CA SER A 208 1.77 -12.85 2.44
C SER A 208 2.94 -12.89 1.47
N SER A 209 3.86 -11.95 1.63
CA SER A 209 5.01 -11.84 0.74
C SER A 209 6.30 -11.67 1.52
N LYS A 210 7.45 -11.97 0.93
CA LYS A 210 8.71 -11.77 1.63
C LYS A 210 9.64 -10.87 0.82
N ASN A 211 10.64 -10.37 1.52
CA ASN A 211 11.72 -9.56 0.98
C ASN A 211 11.23 -8.29 0.29
N ILE A 212 10.84 -7.32 1.10
CA ILE A 212 10.30 -6.05 0.70
C ILE A 212 11.13 -4.85 1.15
N THR A 213 11.36 -3.90 0.26
CA THR A 213 12.02 -2.66 0.62
C THR A 213 11.19 -1.47 0.15
N ILE A 214 10.87 -0.56 1.07
CA ILE A 214 10.20 0.69 0.70
C ILE A 214 11.14 1.80 1.17
N ALA A 215 11.76 2.53 0.25
CA ALA A 215 12.75 3.53 0.63
C ALA A 215 12.70 4.82 -0.16
N TYR A 216 13.09 5.92 0.48
CA TYR A 216 13.13 7.24 -0.15
C TYR A 216 11.83 7.60 -0.86
N SER A 217 10.71 7.26 -0.24
CA SER A 217 9.40 7.48 -0.82
C SER A 217 8.58 8.45 0.03
N ASN A 218 7.51 8.95 -0.57
CA ASN A 218 6.63 9.94 0.05
C ASN A 218 5.18 9.49 -0.09
N ILE A 219 4.55 9.12 1.01
CA ILE A 219 3.20 8.59 0.94
C ILE A 219 2.17 9.39 1.72
N ALA A 220 1.20 9.94 1.03
CA ALA A 220 0.11 10.71 1.64
C ALA A 220 -1.19 10.23 1.00
N THR A 221 -2.09 9.69 1.82
CA THR A 221 -3.32 9.12 1.27
C THR A 221 -4.43 9.15 2.31
N GLY A 222 -5.48 8.38 2.10
CA GLY A 222 -6.61 8.36 3.02
C GLY A 222 -6.44 7.30 4.09
N ASP A 223 -6.24 6.05 3.68
CA ASP A 223 -6.12 4.96 4.66
C ASP A 223 -4.66 4.61 4.91
N ASP A 224 -4.33 3.38 5.26
CA ASP A 224 -2.97 3.05 5.67
C ASP A 224 -1.92 3.47 4.66
N ASN A 225 -0.87 4.14 5.14
CA ASN A 225 0.23 4.55 4.25
C ASN A 225 0.91 3.28 3.73
N VAL A 226 1.16 2.36 4.65
CA VAL A 226 1.70 1.04 4.40
C VAL A 226 0.94 0.08 5.33
N ALA A 227 0.47 -1.04 4.83
CA ALA A 227 -0.20 -2.03 5.67
C ALA A 227 0.38 -3.40 5.35
N ILE A 228 1.18 -3.91 6.26
CA ILE A 228 1.83 -5.22 6.13
C ILE A 228 0.88 -6.30 6.62
N LYS A 229 0.51 -7.25 5.77
CA LYS A 229 -0.48 -8.28 6.09
C LYS A 229 -0.01 -9.70 5.79
N ALA A 230 -0.54 -10.66 6.54
CA ALA A 230 -0.25 -12.08 6.34
C ALA A 230 -1.55 -12.87 6.57
N TYR A 231 -1.91 -13.73 5.63
CA TYR A 231 -3.18 -14.44 5.64
C TYR A 231 -3.12 -15.93 5.95
N LYS A 232 -4.17 -16.42 6.60
CA LYS A 232 -4.25 -17.84 6.94
C LYS A 232 -4.28 -18.68 5.68
N GLY A 233 -3.47 -19.74 5.61
CA GLY A 233 -3.44 -20.63 4.46
C GLY A 233 -2.55 -20.13 3.34
N ARG A 234 -1.85 -19.02 3.56
CA ARG A 234 -0.94 -18.45 2.56
C ARG A 234 0.41 -18.24 3.21
N ALA A 235 1.39 -17.80 2.44
CA ALA A 235 2.74 -17.62 2.94
C ALA A 235 2.85 -16.63 4.10
N GLU A 236 3.93 -16.82 4.88
CA GLU A 236 4.26 -15.86 5.92
C GLU A 236 4.80 -14.59 5.26
N THR A 237 4.60 -13.47 5.93
CA THR A 237 5.16 -12.21 5.46
C THR A 237 6.42 -11.97 6.26
N ARG A 238 7.58 -12.00 5.62
CA ARG A 238 8.85 -11.87 6.30
C ARG A 238 9.85 -10.95 5.59
N ASN A 239 10.78 -10.41 6.37
CA ASN A 239 11.89 -9.63 5.87
C ASN A 239 11.48 -8.37 5.13
N ILE A 240 11.24 -7.29 5.87
CA ILE A 240 10.79 -6.02 5.30
C ILE A 240 11.62 -4.85 5.81
N SER A 241 12.02 -3.97 4.91
CA SER A 241 12.79 -2.78 5.24
C SER A 241 12.01 -1.53 4.81
N ILE A 242 11.69 -0.66 5.76
CA ILE A 242 10.99 0.59 5.50
C ILE A 242 11.97 1.70 5.91
N LEU A 243 12.73 2.21 4.97
CA LEU A 243 13.80 3.15 5.25
C LEU A 243 13.76 4.49 4.53
N HIS A 244 14.08 5.57 5.28
CA HIS A 244 14.24 6.91 4.74
C HIS A 244 12.99 7.39 4.00
N ASN A 245 11.86 7.41 4.70
CA ASN A 245 10.60 7.81 4.10
C ASN A 245 9.93 8.99 4.80
N ASP A 246 8.97 9.57 4.10
CA ASP A 246 8.16 10.67 4.59
C ASP A 246 6.68 10.32 4.41
N PHE A 247 5.91 10.27 5.49
CA PHE A 247 4.49 9.96 5.38
C PHE A 247 3.66 11.18 5.78
N GLY A 248 2.64 11.46 4.98
CA GLY A 248 1.73 12.57 5.22
C GLY A 248 0.42 12.05 5.80
N THR A 249 -0.71 12.57 5.32
CA THR A 249 -1.99 12.10 5.81
C THR A 249 -2.11 10.59 5.60
N GLY A 250 -3.03 9.98 6.34
CA GLY A 250 -3.24 8.54 6.21
C GLY A 250 -3.50 7.89 7.56
N HIS A 251 -3.57 6.55 7.56
CA HIS A 251 -3.85 5.84 8.80
C HIS A 251 -2.62 5.21 9.42
N GLY A 252 -1.42 5.45 8.88
CA GLY A 252 -0.22 4.96 9.49
C GLY A 252 0.69 3.98 8.81
N MET A 253 1.81 3.75 9.48
CA MET A 253 2.81 2.73 9.16
C MET A 253 2.33 1.50 9.92
N SER A 254 1.40 0.76 9.30
CA SER A 254 0.72 -0.33 9.98
C SER A 254 1.05 -1.76 9.60
N ILE A 255 0.74 -2.64 10.55
CA ILE A 255 0.82 -4.09 10.42
C ILE A 255 -0.58 -4.61 10.81
N GLY A 256 -1.23 -5.38 9.94
CA GLY A 256 -2.57 -5.88 10.25
C GLY A 256 -3.59 -5.27 9.29
N SER A 257 -4.85 -5.61 9.46
CA SER A 257 -5.34 -6.44 10.55
C SER A 257 -5.08 -7.93 10.43
N GLU A 258 -4.79 -8.38 9.20
CA GLU A 258 -4.46 -9.79 9.00
C GLU A 258 -3.04 -9.97 9.49
N THR A 259 -2.88 -10.65 10.64
CA THR A 259 -1.55 -10.83 11.21
C THR A 259 -1.19 -12.31 11.35
N MET A 260 -1.47 -13.12 10.34
CA MET A 260 -1.15 -14.55 10.40
C MET A 260 0.29 -14.86 10.03
N GLY A 261 1.25 -14.37 10.78
CA GLY A 261 2.66 -14.63 10.54
C GLY A 261 3.39 -13.48 9.86
N VAL A 262 3.73 -12.45 10.61
CA VAL A 262 4.49 -11.30 10.14
C VAL A 262 5.81 -11.29 10.91
N TYR A 263 6.93 -11.43 10.21
CA TYR A 263 8.23 -11.52 10.84
C TYR A 263 9.32 -10.61 10.28
N ASN A 264 10.22 -10.17 11.15
CA ASN A 264 11.40 -9.40 10.79
C ASN A 264 11.15 -8.15 9.96
N VAL A 265 10.47 -7.21 10.59
CA VAL A 265 10.12 -5.92 9.99
C VAL A 265 10.98 -4.83 10.60
N THR A 266 11.73 -4.12 9.76
CA THR A 266 12.64 -3.07 10.19
C THR A 266 12.22 -1.72 9.63
N VAL A 267 11.86 -0.80 10.52
CA VAL A 267 11.46 0.55 10.15
C VAL A 267 12.50 1.54 10.71
N ASP A 268 13.16 2.31 9.86
CA ASP A 268 14.16 3.28 10.29
C ASP A 268 14.10 4.55 9.46
N ASP A 269 14.27 5.69 10.14
CA ASP A 269 14.27 7.00 9.50
C ASP A 269 12.94 7.24 8.77
N LEU A 270 11.93 7.55 9.57
CA LEU A 270 10.58 7.80 9.06
C LEU A 270 10.04 9.12 9.60
N LYS A 271 9.78 10.05 8.69
CA LYS A 271 9.21 11.35 9.11
C LYS A 271 7.72 11.33 8.83
N MET A 272 6.93 11.66 9.86
CA MET A 272 5.47 11.65 9.72
C MET A 272 4.88 13.02 10.06
N ASN A 273 4.03 13.54 9.17
CA ASN A 273 3.38 14.82 9.41
C ASN A 273 1.91 14.74 9.06
N GLY A 274 1.05 14.82 10.09
CA GLY A 274 -0.39 14.79 9.88
C GLY A 274 -1.04 13.43 9.79
N THR A 275 -0.29 12.35 9.76
CA THR A 275 -0.84 11.00 9.74
C THR A 275 -1.71 10.81 10.98
N THR A 276 -2.90 10.23 10.87
CA THR A 276 -3.72 10.12 12.08
C THR A 276 -3.17 9.11 13.07
N ASN A 277 -2.56 8.04 12.60
CA ASN A 277 -1.90 7.05 13.45
C ASN A 277 -0.42 7.02 13.03
N GLY A 278 0.47 6.75 13.96
CA GLY A 278 1.90 6.71 13.63
C GLY A 278 2.32 5.28 13.29
N LEU A 279 2.84 4.60 14.31
CA LEU A 279 3.29 3.22 14.20
C LEU A 279 2.21 2.31 14.76
N ARG A 280 1.68 1.42 13.91
CA ARG A 280 0.57 0.60 14.35
C ARG A 280 0.64 -0.89 14.06
N ILE A 281 0.21 -1.66 15.06
CA ILE A 281 0.05 -3.10 14.98
C ILE A 281 -1.39 -3.36 15.42
N LYS A 282 -2.23 -3.81 14.50
CA LYS A 282 -3.64 -4.01 14.79
C LYS A 282 -4.20 -5.33 14.30
N SER A 283 -5.22 -5.81 15.01
CA SER A 283 -5.89 -7.04 14.63
C SER A 283 -7.21 -7.20 15.37
N ASP A 284 -7.85 -8.34 15.20
CA ASP A 284 -9.09 -8.66 15.87
C ASP A 284 -9.15 -10.17 16.07
N LYS A 285 -10.25 -10.70 16.58
CA LYS A 285 -10.38 -12.13 16.80
C LYS A 285 -10.47 -12.96 15.53
N SER A 286 -10.77 -12.37 14.38
CA SER A 286 -10.90 -13.11 13.14
C SER A 286 -9.60 -13.29 12.37
N ALA A 287 -8.56 -12.50 12.66
CA ALA A 287 -7.34 -12.60 11.84
C ALA A 287 -6.04 -12.45 12.60
N ALA A 288 -6.07 -12.54 13.93
CA ALA A 288 -4.86 -12.40 14.72
C ALA A 288 -3.97 -13.62 14.66
N GLY A 289 -2.66 -13.41 14.59
CA GLY A 289 -1.71 -14.53 14.61
C GLY A 289 -0.38 -14.06 15.19
N VAL A 290 0.71 -14.66 14.70
CA VAL A 290 2.05 -14.31 15.14
C VAL A 290 2.61 -13.08 14.44
N VAL A 291 3.11 -12.16 15.25
CA VAL A 291 3.85 -10.98 14.83
C VAL A 291 5.15 -11.04 15.64
N ASN A 292 6.28 -11.25 14.99
CA ASN A 292 7.53 -11.38 15.72
C ASN A 292 8.72 -10.67 15.09
N GLY A 293 9.45 -9.93 15.89
CA GLY A 293 10.65 -9.24 15.44
C GLY A 293 10.34 -7.99 14.63
N VAL A 294 9.81 -6.98 15.30
CA VAL A 294 9.48 -5.71 14.69
C VAL A 294 10.30 -4.64 15.41
N ARG A 295 11.07 -3.86 14.67
CA ARG A 295 11.90 -2.83 15.28
C ARG A 295 11.73 -1.48 14.58
N TYR A 296 11.36 -0.49 15.38
CA TYR A 296 11.17 0.88 14.89
C TYR A 296 12.25 1.81 15.45
N SER A 297 12.91 2.56 14.58
CA SER A 297 13.95 3.47 15.05
C SER A 297 14.02 4.74 14.23
N ASN A 298 14.39 5.85 14.89
CA ASN A 298 14.54 7.14 14.24
C ASN A 298 13.26 7.59 13.54
N VAL A 299 12.17 7.59 14.31
CA VAL A 299 10.87 8.02 13.80
C VAL A 299 10.52 9.39 14.40
N VAL A 300 10.26 10.38 13.56
CA VAL A 300 9.90 11.72 14.03
C VAL A 300 8.49 12.07 13.56
N MET A 301 7.58 12.33 14.50
CA MET A 301 6.20 12.63 14.16
C MET A 301 5.77 14.03 14.55
N LYS A 302 4.94 14.63 13.71
CA LYS A 302 4.38 15.96 13.88
C LYS A 302 2.88 15.91 13.52
N ASN A 303 2.02 16.39 14.40
CA ASN A 303 0.58 16.41 14.16
C ASN A 303 -0.01 15.02 13.92
N VAL A 304 0.44 14.03 14.69
CA VAL A 304 -0.08 12.67 14.65
C VAL A 304 -0.87 12.40 15.93
N ALA A 305 -2.17 12.24 15.81
CA ALA A 305 -3.06 12.02 16.95
C ALA A 305 -2.74 10.80 17.78
N LYS A 306 -2.42 9.67 17.17
CA LYS A 306 -2.11 8.42 17.86
C LYS A 306 -0.75 7.89 17.40
N PRO A 307 0.33 8.39 17.99
CA PRO A 307 1.68 8.07 17.55
C PRO A 307 2.04 6.60 17.60
N ILE A 308 1.63 5.88 18.64
CA ILE A 308 1.90 4.46 18.76
C ILE A 308 0.58 3.75 19.05
N VAL A 309 0.23 2.77 18.23
CA VAL A 309 -0.97 1.98 18.42
C VAL A 309 -0.67 0.49 18.30
N ILE A 310 -0.92 -0.24 19.38
CA ILE A 310 -0.81 -1.69 19.41
C ILE A 310 -2.18 -2.16 19.92
N ASP A 311 -3.05 -2.55 18.99
CA ASP A 311 -4.39 -2.95 19.34
C ASP A 311 -4.78 -4.33 18.83
N THR A 312 -5.05 -5.24 19.77
CA THR A 312 -5.44 -6.60 19.43
C THR A 312 -6.95 -6.73 19.25
N VAL A 313 -7.72 -5.71 19.58
CA VAL A 313 -9.17 -5.75 19.38
C VAL A 313 -9.60 -4.47 18.66
N TYR A 314 -8.92 -4.16 17.56
CA TYR A 314 -9.21 -2.96 16.77
C TYR A 314 -10.69 -2.88 16.44
N GLU A 315 -11.24 -3.91 15.82
CA GLU A 315 -12.66 -4.02 15.57
C GLU A 315 -13.21 -5.24 16.31
N LYS A 316 -14.52 -5.26 16.54
CA LYS A 316 -15.13 -6.40 17.21
C LYS A 316 -15.68 -7.35 16.15
N LYS A 317 -14.97 -8.45 15.94
CA LYS A 317 -15.35 -9.46 14.96
C LYS A 317 -15.32 -10.82 15.65
N GLU A 318 -16.12 -11.78 15.18
CA GLU A 318 -16.13 -13.09 15.82
C GLU A 318 -14.91 -13.91 15.37
N GLY A 319 -14.47 -14.80 16.24
CA GLY A 319 -13.33 -15.65 15.95
C GLY A 319 -12.63 -16.08 17.24
N SER A 320 -11.77 -17.08 17.11
CA SER A 320 -11.03 -17.61 18.25
C SER A 320 -9.53 -17.34 18.12
N ASN A 321 -9.16 -16.62 17.06
CA ASN A 321 -7.76 -16.32 16.81
C ASN A 321 -7.17 -15.48 17.94
N VAL A 322 -5.98 -15.88 18.38
CA VAL A 322 -5.25 -15.23 19.45
C VAL A 322 -3.95 -14.63 18.89
N PRO A 323 -3.68 -13.38 19.23
CA PRO A 323 -2.45 -12.72 18.84
C PRO A 323 -1.25 -13.20 19.64
N ASP A 324 -0.17 -13.51 18.95
CA ASP A 324 1.08 -13.94 19.58
C ASP A 324 2.17 -12.99 19.09
N TRP A 325 2.16 -11.81 19.69
CA TRP A 325 3.04 -10.71 19.27
C TRP A 325 4.20 -10.55 20.23
N SER A 326 5.43 -10.64 19.73
CA SER A 326 6.60 -10.51 20.57
C SER A 326 7.79 -9.89 19.86
N ASP A 327 8.83 -9.57 20.64
CA ASP A 327 10.05 -8.95 20.14
C ASP A 327 9.71 -7.71 19.31
N ILE A 328 9.05 -6.76 19.98
CA ILE A 328 8.63 -5.49 19.40
C ILE A 328 9.38 -4.36 20.08
N THR A 329 10.24 -3.66 19.34
CA THR A 329 11.05 -2.60 19.93
C THR A 329 10.88 -1.25 19.25
N PHE A 330 10.91 -0.20 20.07
CA PHE A 330 10.85 1.18 19.62
C PHE A 330 12.10 1.90 20.16
N LYS A 331 12.87 2.53 19.29
CA LYS A 331 14.08 3.23 19.69
C LYS A 331 14.21 4.58 19.01
N ASP A 332 14.50 5.62 19.80
CA ASP A 332 14.67 6.97 19.27
C ASP A 332 13.43 7.38 18.46
N VAL A 333 12.28 7.40 19.12
CA VAL A 333 11.02 7.78 18.50
C VAL A 333 10.50 9.05 19.18
N THR A 334 10.29 10.12 18.42
CA THR A 334 9.83 11.38 18.97
C THR A 334 8.49 11.83 18.35
N SER A 335 7.63 12.35 19.20
CA SER A 335 6.36 12.92 18.79
C SER A 335 6.31 14.36 19.30
N GLU A 336 6.32 15.32 18.37
CA GLU A 336 6.38 16.73 18.71
C GLU A 336 5.08 17.36 19.17
N THR A 337 3.94 16.74 18.91
CA THR A 337 2.66 17.31 19.30
C THR A 337 1.87 16.36 20.18
N LYS A 338 0.89 16.93 20.88
CA LYS A 338 0.03 16.19 21.79
C LYS A 338 -0.69 15.04 21.10
N GLY A 339 -0.62 13.84 21.68
CA GLY A 339 -1.29 12.68 21.11
C GLY A 339 -1.55 11.61 22.16
N VAL A 340 -2.15 10.51 21.73
CA VAL A 340 -2.48 9.39 22.60
C VAL A 340 -1.80 8.10 22.13
N VAL A 341 -1.20 7.40 23.08
CA VAL A 341 -0.58 6.10 22.80
C VAL A 341 -1.53 5.01 23.31
N VAL A 342 -1.93 4.13 22.41
CA VAL A 342 -2.84 3.04 22.75
C VAL A 342 -2.14 1.68 22.70
N LEU A 343 -2.11 1.02 23.85
CA LEU A 343 -1.51 -0.31 23.97
C LEU A 343 -2.55 -1.26 24.56
N ASN A 344 -3.19 -2.03 23.70
CA ASN A 344 -4.24 -2.96 24.12
C ASN A 344 -3.93 -4.40 23.73
N GLY A 345 -3.73 -5.25 24.73
CA GLY A 345 -3.41 -6.65 24.51
C GLY A 345 -4.52 -7.62 24.89
N GLU A 346 -5.76 -7.18 24.84
CA GLU A 346 -6.91 -8.05 25.13
C GLU A 346 -6.86 -9.26 24.22
N ASN A 347 -7.24 -10.45 24.69
CA ASN A 347 -7.25 -11.66 23.90
C ASN A 347 -5.88 -12.32 23.73
N ALA A 348 -4.81 -11.71 24.18
CA ALA A 348 -3.49 -12.33 24.18
C ALA A 348 -3.36 -13.14 25.47
N LYS A 349 -2.90 -14.38 25.37
CA LYS A 349 -2.77 -15.24 26.55
C LYS A 349 -2.03 -14.56 27.69
N LYS A 350 -0.85 -14.04 27.43
CA LYS A 350 -0.07 -13.32 28.42
C LYS A 350 0.09 -11.88 27.97
N PRO A 351 0.48 -11.00 28.89
CA PRO A 351 0.70 -9.60 28.57
C PRO A 351 1.70 -9.43 27.43
N ILE A 352 1.40 -8.56 26.48
CA ILE A 352 2.32 -8.34 25.37
C ILE A 352 3.51 -7.53 25.89
N GLU A 353 4.72 -8.02 25.67
CA GLU A 353 5.91 -7.29 26.14
C GLU A 353 6.48 -6.40 25.03
N VAL A 354 6.67 -5.13 25.32
CA VAL A 354 7.21 -4.18 24.35
C VAL A 354 8.37 -3.38 24.94
N THR A 355 9.37 -3.07 24.11
CA THR A 355 10.53 -2.33 24.55
C THR A 355 10.55 -0.92 23.95
N MET A 356 10.63 0.08 24.83
CA MET A 356 10.67 1.46 24.40
C MET A 356 11.94 2.17 24.87
N LYS A 357 12.88 2.40 23.97
CA LYS A 357 14.12 3.07 24.30
C LYS A 357 14.15 4.47 23.69
N ASN A 358 14.29 5.48 24.53
CA ASN A 358 14.32 6.86 24.10
C ASN A 358 13.11 7.26 23.27
N VAL A 359 11.92 6.99 23.80
CA VAL A 359 10.66 7.34 23.15
C VAL A 359 10.17 8.63 23.81
N LYS A 360 10.23 9.74 23.09
CA LYS A 360 9.83 11.01 23.67
C LYS A 360 8.51 11.56 23.15
N LEU A 361 7.53 11.60 24.05
CA LEU A 361 6.21 12.13 23.76
C LEU A 361 6.05 13.44 24.55
N THR A 362 5.20 14.33 24.08
CA THR A 362 4.99 15.60 24.80
C THR A 362 4.45 15.32 26.20
N SER A 363 4.59 16.28 27.12
CA SER A 363 4.13 16.11 28.48
C SER A 363 2.63 15.99 28.66
N ASP A 364 1.83 16.46 27.71
CA ASP A 364 0.38 16.37 27.79
C ASP A 364 -0.18 15.16 27.06
N SER A 365 0.66 14.19 26.71
CA SER A 365 0.21 12.98 26.03
C SER A 365 -0.29 11.92 27.00
N THR A 366 -1.24 11.10 26.54
CA THR A 366 -1.80 10.05 27.38
C THR A 366 -1.52 8.66 26.84
N TRP A 367 -1.29 7.74 27.78
CA TRP A 367 -1.07 6.34 27.48
C TRP A 367 -2.29 5.54 27.96
N GLN A 368 -2.86 4.72 27.11
CA GLN A 368 -3.99 3.87 27.47
C GLN A 368 -3.49 2.42 27.37
N ILE A 369 -3.16 1.84 28.52
CA ILE A 369 -2.57 0.50 28.57
C ILE A 369 -3.48 -0.57 29.14
N LYS A 370 -3.51 -1.70 28.45
CA LYS A 370 -4.30 -2.86 28.85
C LYS A 370 -3.60 -4.16 28.46
N ASN A 371 -3.18 -4.92 29.46
CA ASN A 371 -2.50 -6.19 29.24
C ASN A 371 -1.28 -6.09 28.35
N VAL A 372 -0.38 -5.15 28.64
CA VAL A 372 0.87 -4.97 27.93
C VAL A 372 1.87 -4.30 28.86
N ASN A 373 3.06 -4.88 28.93
CA ASN A 373 4.12 -4.32 29.77
C ASN A 373 5.21 -3.65 28.93
N VAL A 374 5.52 -2.43 29.30
CA VAL A 374 6.54 -1.65 28.60
C VAL A 374 7.87 -1.69 29.35
N LYS A 375 8.90 -2.21 28.68
CA LYS A 375 10.23 -2.23 29.27
C LYS A 375 10.97 -1.02 28.69
N LYS A 376 11.76 -0.35 29.51
CA LYS A 376 12.49 0.84 29.09
C LYS A 376 13.98 0.54 28.91
#